data_4YAG
#
_entry.id   4YAG
#
_cell.length_a   126.041
_cell.length_b   72.816
_cell.length_c   58.972
_cell.angle_alpha   90.00
_cell.angle_beta   105.36
_cell.angle_gamma   90.00
#
_symmetry.space_group_name_H-M   'C 1 2 1'
#
loop_
_entity.id
_entity.type
_entity.pdbx_description
1 polymer 'C alpha-dehydrogenase'
2 non-polymer '1,4-DIHYDRONICOTINAMIDE ADENINE DINUCLEOTIDE'
3 water water
#
_entity_poly.entity_id   1
_entity_poly.type   'polypeptide(L)'
_entity_poly.pdbx_seq_one_letter_code
;MDIAGTTAFITGGASGIGFGIAQRLLANGARLVLADIRQDHLDEARQFFEERQQGRNVHTIRLDVSDRAQMAEAARECEA
VMGGPDILINNAGIDPSGPFKDATYQDWDYGLAINLMGPINGIMAFTPGMRARGRGGHIVNTASLAGLTPMPSFMAIYAT
AKAAVITLTETIRDSMAEDNIGVTVLMPGPIKSRIHESGQNRPERFRAGSGLAETEQQLAKRVVADNWMEPTEVGDMIVD
AIVHNKLYVSTHGNWRETCEARFQALLDSMPEARPFDFGASLAVPKEEA
;
_entity_poly.pdbx_strand_id   A,B
#
# COMPACT_ATOMS: atom_id res chain seq x y z
N MET A 1 15.34 -21.83 6.78
CA MET A 1 16.57 -21.92 7.62
C MET A 1 16.35 -22.59 8.95
N ASP A 2 17.47 -22.91 9.61
CA ASP A 2 17.49 -23.47 10.96
C ASP A 2 17.33 -22.45 12.13
N ILE A 3 16.46 -22.78 13.09
CA ILE A 3 16.10 -21.84 14.17
C ILE A 3 16.94 -21.92 15.46
N ALA A 4 17.53 -23.07 15.77
CA ALA A 4 18.22 -23.21 17.04
C ALA A 4 19.38 -22.23 17.18
N GLY A 5 19.47 -21.57 18.34
CA GLY A 5 20.56 -20.65 18.62
C GLY A 5 20.41 -19.27 17.98
N THR A 6 19.41 -19.07 17.11
CA THR A 6 19.24 -17.77 16.45
C THR A 6 18.64 -16.79 17.42
N THR A 7 18.62 -15.52 17.02
CA THR A 7 17.84 -14.51 17.72
C THR A 7 16.75 -13.98 16.80
N ALA A 8 15.53 -13.90 17.34
CA ALA A 8 14.37 -13.39 16.61
C ALA A 8 13.92 -12.08 17.22
N PHE A 9 13.79 -11.05 16.38
CA PHE A 9 13.27 -9.76 16.78
C PHE A 9 11.82 -9.70 16.30
N ILE A 10 10.89 -9.57 17.24
CA ILE A 10 9.47 -9.67 16.95
C ILE A 10 8.73 -8.41 17.36
N THR A 11 8.25 -7.67 16.37
CA THR A 11 7.43 -6.51 16.70
C THR A 11 6.00 -6.96 17.01
N GLY A 12 5.38 -6.29 17.97
CA GLY A 12 4.12 -6.76 18.54
C GLY A 12 4.28 -8.12 19.20
N GLY A 13 5.49 -8.41 19.68
CA GLY A 13 5.83 -9.71 20.22
C GLY A 13 5.24 -10.02 21.59
N ALA A 14 4.62 -9.03 22.22
CA ALA A 14 4.14 -9.20 23.59
C ALA A 14 2.64 -9.46 23.72
N SER A 15 1.97 -9.67 22.59
CA SER A 15 0.56 -10.01 22.62
C SER A 15 0.19 -10.81 21.37
N GLY A 16 -0.93 -11.53 21.45
CA GLY A 16 -1.57 -12.04 20.24
C GLY A 16 -0.67 -12.91 19.38
N ILE A 17 -0.76 -12.72 18.07
CA ILE A 17 0.00 -13.52 17.11
C ILE A 17 1.50 -13.47 17.37
N GLY A 18 2.02 -12.26 17.58
CA GLY A 18 3.45 -12.13 17.82
C GLY A 18 3.90 -12.93 19.01
N PHE A 19 3.09 -12.93 20.06
CA PHE A 19 3.44 -13.67 21.26
C PHE A 19 3.36 -15.19 21.02
N GLY A 20 2.42 -15.61 20.18
CA GLY A 20 2.32 -17.01 19.79
C GLY A 20 3.56 -17.44 19.00
N ILE A 21 3.98 -16.58 18.07
CA ILE A 21 5.21 -16.80 17.31
C ILE A 21 6.42 -16.86 18.27
N ALA A 22 6.47 -15.93 19.21
CA ALA A 22 7.55 -15.90 20.18
C ALA A 22 7.67 -17.22 20.93
N GLN A 23 6.55 -17.71 21.44
CA GLN A 23 6.56 -18.94 22.19
C GLN A 23 7.09 -20.11 21.37
N ARG A 24 6.64 -20.21 20.12
CA ARG A 24 7.06 -21.33 19.30
C ARG A 24 8.49 -21.19 18.78
N LEU A 25 8.95 -19.98 18.49
CA LEU A 25 10.35 -19.80 18.16
C LEU A 25 11.27 -20.17 19.33
N LEU A 26 10.93 -19.72 20.55
CA LEU A 26 11.70 -20.08 21.73
C LEU A 26 11.72 -21.60 21.89
N ALA A 27 10.56 -22.24 21.72
CA ALA A 27 10.47 -23.69 21.83
C ALA A 27 11.39 -24.40 20.84
N ASN A 28 11.61 -23.78 19.70
CA ASN A 28 12.52 -24.30 18.70
C ASN A 28 13.96 -23.75 18.79
N GLY A 29 14.31 -23.17 19.95
CA GLY A 29 15.70 -22.85 20.23
C GLY A 29 16.17 -21.42 19.98
N ALA A 30 15.25 -20.53 19.57
CA ALA A 30 15.61 -19.14 19.37
C ALA A 30 15.61 -18.36 20.67
N ARG A 31 16.46 -17.36 20.74
CA ARG A 31 16.35 -16.31 21.74
C ARG A 31 15.52 -15.19 21.17
N LEU A 32 14.90 -14.41 22.03
CA LEU A 32 13.89 -13.45 21.60
C LEU A 32 14.17 -12.02 22.01
N VAL A 33 13.84 -11.09 21.11
CA VAL A 33 13.67 -9.70 21.46
C VAL A 33 12.25 -9.33 21.08
N LEU A 34 11.46 -8.97 22.08
CA LEU A 34 10.07 -8.56 21.86
C LEU A 34 10.02 -7.04 21.89
N ALA A 35 9.54 -6.46 20.79
CA ALA A 35 9.46 -5.02 20.65
C ALA A 35 7.97 -4.65 20.56
N ASP A 36 7.54 -3.73 21.39
CA ASP A 36 6.11 -3.43 21.51
C ASP A 36 5.93 -2.03 22.06
N ILE A 37 4.82 -1.40 21.69
CA ILE A 37 4.54 -0.06 22.15
C ILE A 37 3.88 -0.03 23.54
N ARG A 38 3.39 -1.19 23.98
CA ARG A 38 2.66 -1.30 25.24
C ARG A 38 3.55 -1.88 26.36
N GLN A 39 3.92 -1.03 27.31
CA GLN A 39 4.76 -1.47 28.41
C GLN A 39 4.08 -2.56 29.22
N ASP A 40 2.76 -2.46 29.39
CA ASP A 40 2.05 -3.47 30.18
C ASP A 40 2.06 -4.85 29.49
N HIS A 41 1.94 -4.86 28.16
CA HIS A 41 2.07 -6.10 27.41
C HIS A 41 3.49 -6.67 27.59
N LEU A 42 4.51 -5.83 27.47
CA LEU A 42 5.89 -6.30 27.63
C LEU A 42 6.09 -6.90 29.02
N ASP A 43 5.56 -6.25 30.04
CA ASP A 43 5.73 -6.74 31.41
C ASP A 43 5.06 -8.11 31.60
N GLU A 44 3.89 -8.27 31.00
CA GLU A 44 3.16 -9.54 31.08
C GLU A 44 3.92 -10.64 30.36
N ALA A 45 4.48 -10.33 29.20
CA ALA A 45 5.27 -11.30 28.45
C ALA A 45 6.50 -11.69 29.25
N ARG A 46 7.14 -10.71 29.88
CA ARG A 46 8.32 -10.95 30.71
C ARG A 46 7.97 -11.93 31.81
N GLN A 47 6.86 -11.66 32.49
CA GLN A 47 6.44 -12.50 33.59
C GLN A 47 6.12 -13.93 33.12
N PHE A 48 5.50 -14.04 31.96
CA PHE A 48 5.17 -15.35 31.37
C PHE A 48 6.43 -16.18 31.15
N PHE A 49 7.45 -15.58 30.56
CA PHE A 49 8.67 -16.33 30.29
C PHE A 49 9.49 -16.58 31.54
N GLU A 50 9.42 -15.69 32.53
CA GLU A 50 10.09 -15.92 33.81
C GLU A 50 9.45 -17.09 34.53
N GLU A 51 8.13 -17.19 34.47
CA GLU A 51 7.42 -18.29 35.09
C GLU A 51 7.82 -19.63 34.45
N ARG A 52 8.30 -19.58 33.22
CA ARG A 52 8.70 -20.78 32.51
C ARG A 52 10.22 -20.93 32.45
N GLN A 53 10.89 -20.19 33.32
CA GLN A 53 12.33 -20.32 33.53
C GLN A 53 13.08 -20.09 32.24
N GLN A 54 12.57 -19.14 31.44
CA GLN A 54 13.20 -18.81 30.16
C GLN A 54 13.53 -17.33 30.05
N GLY A 55 13.44 -16.60 31.14
CA GLY A 55 13.65 -15.16 31.08
C GLY A 55 14.98 -14.70 30.49
N ARG A 56 16.04 -15.45 30.73
CA ARG A 56 17.36 -15.07 30.23
C ARG A 56 17.41 -15.04 28.71
N ASN A 57 16.44 -15.67 28.08
CA ASN A 57 16.45 -15.78 26.62
C ASN A 57 15.44 -14.86 25.95
N VAL A 58 14.92 -13.90 26.72
CA VAL A 58 13.91 -12.97 26.24
C VAL A 58 14.25 -11.56 26.72
N HIS A 59 14.45 -10.66 25.76
CA HIS A 59 14.70 -9.26 26.06
C HIS A 59 13.53 -8.45 25.51
N THR A 60 13.11 -7.41 26.22
CA THR A 60 12.01 -6.58 25.78
C THR A 60 12.48 -5.16 25.49
N ILE A 61 11.89 -4.58 24.46
CA ILE A 61 12.16 -3.20 24.09
C ILE A 61 10.83 -2.52 23.80
N ARG A 62 10.61 -1.40 24.45
CA ARG A 62 9.42 -0.58 24.19
C ARG A 62 9.74 0.38 23.04
N LEU A 63 8.93 0.32 21.99
CA LEU A 63 9.13 1.21 20.85
C LEU A 63 7.86 1.27 20.02
N ASP A 64 7.83 2.30 19.17
CA ASP A 64 6.82 2.48 18.13
C ASP A 64 7.48 2.15 16.79
N VAL A 65 6.97 1.15 16.06
CA VAL A 65 7.58 0.71 14.80
C VAL A 65 7.58 1.80 13.73
N SER A 66 6.75 2.82 13.92
CA SER A 66 6.65 3.90 12.95
C SER A 66 7.62 5.04 13.26
N ASP A 67 8.45 4.85 14.29
CA ASP A 67 9.47 5.83 14.65
C ASP A 67 10.82 5.30 14.17
N ARG A 68 11.34 5.88 13.09
CA ARG A 68 12.54 5.33 12.46
C ARG A 68 13.78 5.42 13.34
N ALA A 69 13.91 6.51 14.11
CA ALA A 69 15.02 6.65 15.03
C ALA A 69 14.98 5.53 16.06
N GLN A 70 13.79 5.22 16.58
CA GLN A 70 13.67 4.16 17.58
C GLN A 70 13.97 2.78 16.99
N MET A 71 13.62 2.59 15.71
CA MET A 71 13.95 1.35 15.04
C MET A 71 15.44 1.19 14.78
N ALA A 72 16.16 2.28 14.46
CA ALA A 72 17.59 2.21 14.32
C ALA A 72 18.25 1.89 15.66
N GLU A 73 17.74 2.51 16.72
CA GLU A 73 18.18 2.21 18.08
C GLU A 73 17.93 0.74 18.39
N ALA A 74 16.76 0.26 18.01
CA ALA A 74 16.43 -1.15 18.30
C ALA A 74 17.35 -2.14 17.58
N ALA A 75 17.77 -1.79 16.36
CA ALA A 75 18.67 -2.67 15.64
C ALA A 75 20.02 -2.73 16.36
N ARG A 76 20.50 -1.60 16.86
CA ARG A 76 21.71 -1.58 17.67
C ARG A 76 21.55 -2.35 18.98
N GLU A 77 20.42 -2.13 19.66
CA GLU A 77 20.20 -2.75 20.99
C GLU A 77 20.03 -4.26 20.83
N CYS A 78 19.29 -4.70 19.83
CA CYS A 78 19.12 -6.13 19.59
C CYS A 78 20.46 -6.81 19.39
N GLU A 79 21.27 -6.25 18.49
CA GLU A 79 22.55 -6.86 18.19
C GLU A 79 23.43 -6.91 19.44
N ALA A 80 23.49 -5.79 20.17
CA ALA A 80 24.38 -5.68 21.33
C ALA A 80 23.95 -6.58 22.47
N VAL A 81 22.64 -6.63 22.73
CA VAL A 81 22.15 -7.34 23.93
C VAL A 81 21.91 -8.83 23.67
N MET A 82 21.36 -9.17 22.51
CA MET A 82 20.95 -10.55 22.26
C MET A 82 21.54 -11.15 20.99
N GLY A 83 22.27 -10.34 20.22
CA GLY A 83 22.84 -10.80 18.97
C GLY A 83 21.88 -10.67 17.80
N GLY A 84 22.44 -10.57 16.60
CA GLY A 84 21.61 -10.59 15.40
C GLY A 84 20.75 -9.34 15.22
N PRO A 85 19.47 -9.53 14.84
CA PRO A 85 18.73 -10.79 14.80
C PRO A 85 18.95 -11.56 13.51
N ASP A 86 18.63 -12.86 13.53
CA ASP A 86 18.66 -13.67 12.33
C ASP A 86 17.26 -13.78 11.74
N ILE A 87 16.26 -13.66 12.60
CA ILE A 87 14.86 -13.75 12.21
C ILE A 87 14.22 -12.42 12.55
N LEU A 88 13.60 -11.81 11.54
CA LEU A 88 12.92 -10.54 11.70
C LEU A 88 11.41 -10.73 11.47
N ILE A 89 10.62 -10.48 12.51
CA ILE A 89 9.16 -10.68 12.44
C ILE A 89 8.51 -9.29 12.54
N ASN A 90 8.07 -8.75 11.41
CA ASN A 90 7.40 -7.47 11.38
C ASN A 90 5.92 -7.75 11.50
N ASN A 91 5.44 -7.80 12.72
CA ASN A 91 4.11 -8.31 13.01
C ASN A 91 3.15 -7.28 13.63
N ALA A 92 3.68 -6.26 14.29
CA ALA A 92 2.83 -5.28 14.94
C ALA A 92 1.80 -4.76 13.93
N GLY A 93 0.61 -4.51 14.43
CA GLY A 93 -0.42 -3.90 13.62
C GLY A 93 -1.56 -3.47 14.48
N ILE A 94 -2.41 -2.62 13.90
CA ILE A 94 -3.56 -2.09 14.60
C ILE A 94 -4.77 -2.11 13.64
N ASP A 95 -5.95 -1.90 14.23
CA ASP A 95 -7.21 -1.84 13.47
C ASP A 95 -7.67 -0.39 13.38
N PRO A 96 -7.53 0.24 12.20
CA PRO A 96 -7.89 1.63 11.94
C PRO A 96 -9.28 1.77 11.28
N SER A 97 -10.12 0.77 11.46
CA SER A 97 -11.40 0.71 10.76
C SER A 97 -12.44 1.62 11.37
N GLY A 98 -13.43 1.97 10.55
CA GLY A 98 -14.53 2.79 11.00
C GLY A 98 -15.29 3.29 9.80
N PRO A 99 -16.39 4.01 10.06
CA PRO A 99 -17.19 4.52 8.95
C PRO A 99 -16.33 5.37 8.02
N PHE A 100 -16.37 5.10 6.72
CA PHE A 100 -15.37 5.67 5.82
C PHE A 100 -15.46 7.20 5.79
N LYS A 101 -16.66 7.73 5.83
CA LYS A 101 -16.83 9.18 5.75
C LYS A 101 -16.36 9.89 7.01
N ASP A 102 -16.11 9.13 8.07
CA ASP A 102 -15.64 9.70 9.34
C ASP A 102 -14.11 9.74 9.38
N ALA A 103 -13.45 8.89 8.59
CA ALA A 103 -11.99 8.84 8.64
C ALA A 103 -11.37 10.15 8.14
N THR A 104 -10.34 10.60 8.84
CA THR A 104 -9.63 11.81 8.48
C THR A 104 -8.21 11.47 8.04
N TYR A 105 -7.47 12.49 7.60
CA TYR A 105 -6.09 12.29 7.22
C TYR A 105 -5.29 11.66 8.36
N GLN A 106 -5.60 12.01 9.60
CA GLN A 106 -4.88 11.42 10.73
C GLN A 106 -5.10 9.92 10.78
N ASP A 107 -6.31 9.48 10.48
CA ASP A 107 -6.60 8.05 10.45
C ASP A 107 -5.88 7.33 9.32
N TRP A 108 -5.83 7.92 8.13
CA TRP A 108 -5.02 7.37 7.04
C TRP A 108 -3.55 7.29 7.41
N ASP A 109 -3.03 8.38 7.94
CA ASP A 109 -1.62 8.44 8.28
C ASP A 109 -1.27 7.40 9.35
N TYR A 110 -2.13 7.29 10.36
CA TYR A 110 -1.95 6.28 11.40
C TYR A 110 -1.97 4.87 10.83
N GLY A 111 -3.00 4.54 10.07
CA GLY A 111 -3.11 3.19 9.58
C GLY A 111 -2.00 2.78 8.64
N LEU A 112 -1.56 3.72 7.80
CA LEU A 112 -0.46 3.43 6.90
C LEU A 112 0.88 3.38 7.64
N ALA A 113 1.03 4.25 8.64
CA ALA A 113 2.30 4.29 9.39
C ALA A 113 2.53 2.98 10.09
N ILE A 114 1.54 2.44 10.78
CA ILE A 114 1.81 1.25 11.57
C ILE A 114 1.83 0.02 10.67
N ASN A 115 0.80 -0.13 9.84
CA ASN A 115 0.60 -1.40 9.15
C ASN A 115 1.42 -1.57 7.86
N LEU A 116 1.89 -0.47 7.29
CA LEU A 116 2.72 -0.55 6.09
C LEU A 116 4.12 -0.02 6.37
N MET A 117 4.26 1.16 6.95
CA MET A 117 5.59 1.68 7.19
C MET A 117 6.31 0.92 8.32
N GLY A 118 5.56 0.30 9.22
CA GLY A 118 6.20 -0.49 10.28
C GLY A 118 7.08 -1.57 9.68
N PRO A 119 6.52 -2.42 8.79
CA PRO A 119 7.35 -3.45 8.15
C PRO A 119 8.47 -2.87 7.29
N ILE A 120 8.20 -1.79 6.56
CA ILE A 120 9.25 -1.19 5.78
C ILE A 120 10.38 -0.71 6.68
N ASN A 121 10.04 -0.06 7.80
CA ASN A 121 11.08 0.43 8.72
C ASN A 121 11.88 -0.72 9.30
N GLY A 122 11.20 -1.82 9.57
CA GLY A 122 11.90 -3.03 10.02
C GLY A 122 12.90 -3.53 9.00
N ILE A 123 12.47 -3.62 7.74
CA ILE A 123 13.36 -4.05 6.69
C ILE A 123 14.55 -3.09 6.57
N MET A 124 14.27 -1.80 6.57
CA MET A 124 15.33 -0.83 6.34
C MET A 124 16.33 -0.79 7.50
N ALA A 125 15.82 -0.90 8.72
CA ALA A 125 16.68 -0.83 9.90
C ALA A 125 17.48 -2.10 10.16
N PHE A 126 16.90 -3.27 9.87
CA PHE A 126 17.51 -4.55 10.25
C PHE A 126 18.19 -5.33 9.14
N THR A 127 17.72 -5.23 7.91
CA THR A 127 18.31 -6.11 6.90
C THR A 127 19.75 -5.79 6.52
N PRO A 128 20.22 -4.52 6.61
CA PRO A 128 21.63 -4.32 6.30
C PRO A 128 22.54 -5.20 7.17
N GLY A 129 22.23 -5.30 8.46
CA GLY A 129 23.03 -6.10 9.36
C GLY A 129 22.87 -7.58 9.09
N MET A 130 21.66 -7.99 8.73
CA MET A 130 21.41 -9.38 8.42
C MET A 130 22.22 -9.82 7.20
N ARG A 131 22.31 -8.95 6.21
CA ARG A 131 23.15 -9.24 5.07
C ARG A 131 24.63 -9.26 5.48
N ALA A 132 25.05 -8.24 6.21
CA ALA A 132 26.47 -8.09 6.57
C ALA A 132 27.02 -9.28 7.36
N ARG A 133 26.20 -9.85 8.22
CA ARG A 133 26.65 -10.91 9.11
C ARG A 133 26.86 -12.22 8.35
N GLY A 134 26.21 -12.36 7.22
CA GLY A 134 26.49 -13.45 6.28
C GLY A 134 26.05 -14.82 6.73
N ARG A 135 25.12 -14.92 7.67
CA ARG A 135 24.64 -16.24 8.05
C ARG A 135 23.20 -16.48 7.65
N GLY A 136 22.72 -15.67 6.70
CA GLY A 136 21.35 -15.78 6.22
C GLY A 136 20.38 -15.30 7.26
N GLY A 137 19.11 -15.63 7.07
CA GLY A 137 18.10 -15.20 8.01
C GLY A 137 16.74 -15.37 7.38
N HIS A 138 15.74 -14.80 8.03
CA HIS A 138 14.39 -14.88 7.52
C HIS A 138 13.61 -13.68 7.98
N ILE A 139 12.67 -13.23 7.15
CA ILE A 139 11.76 -12.15 7.46
C ILE A 139 10.32 -12.65 7.32
N VAL A 140 9.51 -12.41 8.35
CA VAL A 140 8.09 -12.69 8.29
C VAL A 140 7.37 -11.37 8.44
N ASN A 141 6.50 -11.04 7.50
CA ASN A 141 5.62 -9.87 7.64
C ASN A 141 4.20 -10.33 7.86
N THR A 142 3.53 -9.78 8.86
CA THR A 142 2.14 -10.15 9.07
C THR A 142 1.23 -9.21 8.31
N ALA A 143 0.59 -9.74 7.28
CA ALA A 143 -0.41 -8.97 6.55
C ALA A 143 -1.78 -9.38 7.09
N SER A 144 -2.68 -9.85 6.22
CA SER A 144 -4.02 -10.30 6.60
C SER A 144 -4.69 -10.87 5.37
N LEU A 145 -5.65 -11.77 5.55
CA LEU A 145 -6.48 -12.17 4.42
C LEU A 145 -7.33 -10.98 3.95
N ALA A 146 -7.47 -9.96 4.79
CA ALA A 146 -8.17 -8.73 4.40
C ALA A 146 -7.40 -7.95 3.33
N GLY A 147 -6.15 -8.32 3.09
CA GLY A 147 -5.37 -7.70 2.05
C GLY A 147 -5.56 -8.39 0.71
N LEU A 148 -6.36 -9.45 0.71
CA LEU A 148 -6.53 -10.29 -0.48
C LEU A 148 -8.00 -10.43 -0.91
N THR A 149 -8.88 -10.77 0.03
CA THR A 149 -10.29 -10.93 -0.26
C THR A 149 -10.97 -9.56 -0.28
N PRO A 150 -12.02 -9.39 -1.10
CA PRO A 150 -12.60 -8.04 -1.14
C PRO A 150 -13.17 -7.59 0.19
N MET A 151 -12.91 -6.32 0.54
CA MET A 151 -13.34 -5.78 1.81
C MET A 151 -14.23 -4.55 1.58
N PRO A 152 -15.06 -4.25 2.57
CA PRO A 152 -15.94 -3.07 2.52
C PRO A 152 -15.24 -1.81 2.98
N SER A 153 -15.87 -0.67 2.74
CA SER A 153 -15.24 0.62 2.95
C SER A 153 -14.88 0.89 4.41
N PHE A 154 -15.61 0.28 5.34
CA PHE A 154 -15.34 0.37 6.79
C PHE A 154 -13.93 -0.10 7.08
N MET A 155 -13.39 -0.95 6.20
CA MET A 155 -12.05 -1.51 6.40
C MET A 155 -11.04 -1.01 5.36
N ALA A 156 -11.32 0.15 4.75
CA ALA A 156 -10.47 0.61 3.66
C ALA A 156 -9.02 0.81 4.06
N ILE A 157 -8.78 1.46 5.19
CA ILE A 157 -7.40 1.80 5.56
C ILE A 157 -6.61 0.53 5.87
N TYR A 158 -7.25 -0.39 6.58
CA TYR A 158 -6.66 -1.66 6.95
C TYR A 158 -6.34 -2.47 5.71
N ALA A 159 -7.35 -2.66 4.84
CA ALA A 159 -7.15 -3.50 3.66
C ALA A 159 -6.06 -2.97 2.74
N THR A 160 -6.06 -1.66 2.54
CA THR A 160 -5.11 -1.02 1.64
C THR A 160 -3.68 -1.27 2.10
N ALA A 161 -3.43 -1.10 3.39
CA ALA A 161 -2.10 -1.35 3.94
C ALA A 161 -1.72 -2.81 3.87
N LYS A 162 -2.66 -3.68 4.19
CA LYS A 162 -2.35 -5.10 4.22
C LYS A 162 -2.09 -5.68 2.83
N ALA A 163 -2.81 -5.19 1.81
CA ALA A 163 -2.50 -5.60 0.43
C ALA A 163 -1.08 -5.21 0.05
N ALA A 164 -0.69 -4.00 0.46
CA ALA A 164 0.66 -3.52 0.18
C ALA A 164 1.72 -4.40 0.84
N VAL A 165 1.46 -4.87 2.05
CA VAL A 165 2.42 -5.73 2.73
C VAL A 165 2.63 -7.06 1.99
N ILE A 166 1.55 -7.59 1.43
CA ILE A 166 1.68 -8.82 0.68
C ILE A 166 2.62 -8.58 -0.52
N THR A 167 2.37 -7.52 -1.29
CA THR A 167 3.17 -7.22 -2.48
C THR A 167 4.61 -6.88 -2.08
N LEU A 168 4.77 -6.10 -1.02
CA LEU A 168 6.10 -5.78 -0.50
C LEU A 168 6.91 -7.05 -0.30
N THR A 169 6.28 -8.02 0.34
CA THR A 169 6.99 -9.24 0.70
C THR A 169 7.37 -10.02 -0.56
N GLU A 170 6.46 -10.10 -1.51
CA GLU A 170 6.76 -10.78 -2.76
C GLU A 170 7.93 -10.12 -3.49
N THR A 171 7.93 -8.80 -3.53
CA THR A 171 8.92 -8.10 -4.33
C THR A 171 10.30 -8.15 -3.72
N ILE A 172 10.42 -8.16 -2.39
CA ILE A 172 11.74 -8.16 -1.78
C ILE A 172 12.41 -9.53 -1.84
N ARG A 173 11.68 -10.59 -2.20
CA ARG A 173 12.19 -11.94 -2.09
C ARG A 173 13.54 -12.12 -2.80
N ASP A 174 13.62 -11.68 -4.05
CA ASP A 174 14.83 -11.95 -4.80
C ASP A 174 16.03 -11.18 -4.23
N SER A 175 15.80 -9.96 -3.76
CA SER A 175 16.90 -9.20 -3.17
C SER A 175 17.40 -9.88 -1.90
N MET A 176 16.46 -10.29 -1.04
CA MET A 176 16.86 -10.91 0.23
C MET A 176 17.58 -12.23 -0.02
N ALA A 177 17.12 -12.95 -1.03
CA ALA A 177 17.72 -14.26 -1.35
C ALA A 177 19.19 -14.12 -1.75
N GLU A 178 19.60 -12.96 -2.26
CA GLU A 178 21.03 -12.74 -2.59
C GLU A 178 21.92 -13.04 -1.39
N ASP A 179 21.38 -12.82 -0.20
CA ASP A 179 22.13 -13.00 1.04
C ASP A 179 21.53 -14.10 1.91
N ASN A 180 20.84 -15.05 1.25
CA ASN A 180 20.27 -16.22 1.90
C ASN A 180 19.33 -15.83 3.04
N ILE A 181 18.58 -14.76 2.80
CA ILE A 181 17.50 -14.36 3.69
C ILE A 181 16.19 -14.70 2.99
N GLY A 182 15.42 -15.61 3.59
CA GLY A 182 14.10 -15.92 3.08
C GLY A 182 13.03 -14.98 3.57
N VAL A 183 11.89 -14.95 2.90
CA VAL A 183 10.77 -14.12 3.32
C VAL A 183 9.45 -14.86 3.27
N THR A 184 8.56 -14.46 4.17
CA THR A 184 7.21 -15.03 4.29
C THR A 184 6.24 -13.91 4.58
N VAL A 185 5.09 -13.92 3.91
CA VAL A 185 3.98 -13.09 4.33
C VAL A 185 2.91 -13.98 4.94
N LEU A 186 2.57 -13.65 6.18
CA LEU A 186 1.52 -14.31 6.93
C LEU A 186 0.21 -13.58 6.74
N MET A 187 -0.82 -14.33 6.34
CA MET A 187 -2.15 -13.79 6.07
C MET A 187 -3.17 -14.48 6.95
N PRO A 188 -3.39 -13.91 8.14
CA PRO A 188 -4.35 -14.58 9.02
C PRO A 188 -5.81 -14.27 8.74
N GLY A 189 -6.64 -15.23 9.14
CA GLY A 189 -8.04 -15.04 9.45
C GLY A 189 -8.17 -14.73 10.93
N PRO A 190 -9.31 -15.02 11.52
CA PRO A 190 -9.55 -14.63 12.92
C PRO A 190 -8.72 -15.40 13.95
N ILE A 191 -7.82 -14.69 14.63
CA ILE A 191 -6.96 -15.25 15.68
C ILE A 191 -7.27 -14.54 16.98
N LYS A 192 -7.33 -15.31 18.07
CA LYS A 192 -7.50 -14.72 19.40
C LYS A 192 -6.33 -13.79 19.70
N SER A 193 -6.64 -12.55 20.05
CA SER A 193 -5.60 -11.56 20.30
C SER A 193 -6.19 -10.38 21.06
N ARG A 194 -5.39 -9.33 21.20
CA ARG A 194 -5.86 -8.12 21.88
C ARG A 194 -5.93 -6.92 20.93
N ILE A 195 -6.11 -7.18 19.63
CA ILE A 195 -6.14 -6.12 18.63
C ILE A 195 -7.32 -5.18 18.86
N HIS A 196 -8.30 -5.63 19.64
CA HIS A 196 -9.41 -4.76 19.98
C HIS A 196 -8.99 -3.62 20.91
N GLU A 197 -7.76 -3.67 21.41
CA GLU A 197 -7.23 -2.57 22.22
C GLU A 197 -6.50 -1.55 21.33
N SER A 198 -6.72 -1.60 20.01
CA SER A 198 -6.02 -0.72 19.08
C SER A 198 -6.09 0.76 19.42
N GLY A 199 -7.22 1.22 19.95
CA GLY A 199 -7.34 2.61 20.36
C GLY A 199 -6.29 3.02 21.36
N GLN A 200 -6.02 2.15 22.33
CA GLN A 200 -4.95 2.38 23.31
C GLN A 200 -3.56 2.40 22.68
N ASN A 201 -3.43 1.73 21.55
CA ASN A 201 -2.12 1.53 20.94
C ASN A 201 -1.77 2.60 19.92
N ARG A 202 -2.75 3.41 19.56
CA ARG A 202 -2.53 4.49 18.59
C ARG A 202 -1.48 5.46 19.13
N PRO A 203 -0.40 5.69 18.38
CA PRO A 203 0.58 6.64 18.92
C PRO A 203 -0.01 8.03 19.14
N GLU A 204 0.52 8.73 20.13
CA GLU A 204 -0.04 10.01 20.54
C GLU A 204 -0.22 10.99 19.38
N ARG A 205 0.72 11.02 18.46
CA ARG A 205 0.69 12.05 17.42
C ARG A 205 -0.45 11.86 16.44
N PHE A 206 -1.06 10.68 16.42
CA PHE A 206 -2.19 10.43 15.52
C PHE A 206 -3.57 10.59 16.17
N ARG A 207 -3.61 10.99 17.44
CA ARG A 207 -4.88 11.05 18.18
C ARG A 207 -5.70 12.29 17.88
N ALA A 208 -5.06 13.46 17.93
CA ALA A 208 -5.78 14.71 17.70
C ALA A 208 -6.28 14.77 16.27
N GLY A 209 -7.56 15.01 16.08
CA GLY A 209 -8.07 15.12 14.73
C GLY A 209 -8.48 13.82 14.09
N SER A 210 -8.38 12.72 14.82
CA SER A 210 -8.96 11.45 14.38
C SER A 210 -10.47 11.58 14.31
N GLY A 211 -11.08 10.88 13.37
CA GLY A 211 -12.52 10.82 13.33
C GLY A 211 -13.12 9.53 13.86
N LEU A 212 -12.29 8.66 14.43
CA LEU A 212 -12.71 7.29 14.73
C LEU A 212 -12.61 6.93 16.21
N ALA A 213 -12.51 7.91 17.09
CA ALA A 213 -12.41 7.61 18.51
C ALA A 213 -13.61 6.79 18.99
N GLU A 214 -14.80 7.13 18.49
CA GLU A 214 -16.00 6.42 18.91
C GLU A 214 -15.93 4.96 18.49
N THR A 215 -15.43 4.73 17.27
CA THR A 215 -15.30 3.37 16.78
C THR A 215 -14.29 2.59 17.64
N GLU A 216 -13.19 3.23 17.99
CA GLU A 216 -12.17 2.58 18.82
C GLU A 216 -12.71 2.23 20.19
N GLN A 217 -13.55 3.10 20.74
CA GLN A 217 -14.11 2.81 22.07
C GLN A 217 -15.08 1.63 22.00
N GLN A 218 -15.80 1.48 20.89
CA GLN A 218 -16.70 0.33 20.76
C GLN A 218 -15.85 -0.92 20.57
N LEU A 219 -14.81 -0.81 19.75
CA LEU A 219 -13.94 -1.95 19.47
C LEU A 219 -13.34 -2.51 20.76
N ALA A 220 -13.01 -1.64 21.68
CA ALA A 220 -12.38 -2.06 22.95
C ALA A 220 -13.25 -3.03 23.74
N LYS A 221 -14.57 -2.99 23.51
CA LYS A 221 -15.50 -3.84 24.26
C LYS A 221 -15.77 -5.18 23.55
N ARG A 222 -15.17 -5.37 22.38
CA ARG A 222 -15.43 -6.55 21.57
C ARG A 222 -14.93 -7.81 22.23
N VAL A 223 -15.76 -8.84 22.23
CA VAL A 223 -15.41 -10.10 22.87
C VAL A 223 -14.63 -11.00 21.93
N VAL A 224 -13.54 -11.56 22.43
CA VAL A 224 -12.74 -12.51 21.67
C VAL A 224 -13.46 -13.85 21.58
N ALA A 225 -13.87 -14.23 20.38
CA ALA A 225 -14.64 -15.47 20.18
C ALA A 225 -13.86 -16.74 20.51
N ASP A 226 -14.52 -17.70 21.15
CA ASP A 226 -13.85 -18.93 21.57
C ASP A 226 -13.34 -19.78 20.40
N ASN A 227 -13.93 -19.62 19.22
CA ASN A 227 -13.58 -20.45 18.06
C ASN A 227 -12.55 -19.80 17.15
N TRP A 228 -12.02 -18.65 17.56
CA TRP A 228 -10.91 -18.07 16.82
C TRP A 228 -9.68 -18.91 17.13
N MET A 229 -8.70 -18.84 16.24
CA MET A 229 -7.55 -19.70 16.32
C MET A 229 -6.60 -19.22 17.44
N GLU A 230 -5.88 -20.15 18.04
CA GLU A 230 -4.90 -19.81 19.06
C GLU A 230 -3.64 -19.27 18.42
N PRO A 231 -3.06 -18.21 19.00
CA PRO A 231 -1.78 -17.72 18.48
C PRO A 231 -0.68 -18.79 18.38
N THR A 232 -0.64 -19.78 19.27
CA THR A 232 0.46 -20.76 19.17
C THR A 232 0.30 -21.65 17.91
N GLU A 233 -0.93 -21.86 17.46
CA GLU A 233 -1.14 -22.58 16.21
C GLU A 233 -0.56 -21.81 15.04
N VAL A 234 -0.75 -20.49 15.04
CA VAL A 234 -0.15 -19.64 14.02
C VAL A 234 1.39 -19.69 14.17
N GLY A 235 1.86 -19.69 15.42
CA GLY A 235 3.29 -19.77 15.66
C GLY A 235 3.91 -21.00 15.00
N ASP A 236 3.24 -22.13 15.08
CA ASP A 236 3.79 -23.35 14.51
C ASP A 236 3.80 -23.28 12.99
N MET A 237 2.79 -22.63 12.41
CA MET A 237 2.80 -22.42 10.96
C MET A 237 4.00 -21.58 10.54
N ILE A 238 4.34 -20.59 11.36
CA ILE A 238 5.48 -19.74 11.09
C ILE A 238 6.81 -20.48 11.28
N VAL A 239 6.92 -21.35 12.28
CA VAL A 239 8.10 -22.21 12.41
C VAL A 239 8.28 -22.96 11.08
N ASP A 240 7.20 -23.56 10.58
CA ASP A 240 7.31 -24.35 9.34
C ASP A 240 7.72 -23.45 8.16
N ALA A 241 7.19 -22.23 8.11
CA ALA A 241 7.47 -21.31 7.00
C ALA A 241 8.94 -20.88 7.02
N ILE A 242 9.51 -20.67 8.20
CA ILE A 242 10.92 -20.31 8.32
C ILE A 242 11.82 -21.49 7.95
N VAL A 243 11.51 -22.67 8.49
CA VAL A 243 12.31 -23.85 8.21
C VAL A 243 12.32 -24.18 6.72
N HIS A 244 11.16 -24.06 6.09
CA HIS A 244 11.00 -24.49 4.70
C HIS A 244 10.98 -23.36 3.69
N ASN A 245 11.20 -22.14 4.15
CA ASN A 245 11.25 -20.97 3.29
C ASN A 245 10.02 -20.82 2.42
N LYS A 246 8.86 -20.80 3.07
CA LYS A 246 7.59 -20.68 2.36
C LYS A 246 7.18 -19.24 2.20
N LEU A 247 6.88 -18.81 0.97
CA LEU A 247 6.54 -17.41 0.75
C LEU A 247 5.19 -16.99 1.37
N TYR A 248 4.20 -17.86 1.25
CA TYR A 248 2.86 -17.54 1.71
C TYR A 248 2.39 -18.49 2.79
N VAL A 249 1.82 -17.91 3.84
CA VAL A 249 1.13 -18.70 4.86
C VAL A 249 -0.23 -18.07 5.12
N SER A 250 -1.30 -18.84 4.95
CA SER A 250 -2.64 -18.41 5.31
C SER A 250 -3.15 -19.33 6.40
N THR A 251 -3.83 -18.75 7.38
CA THR A 251 -4.26 -19.55 8.53
C THR A 251 -5.66 -20.18 8.37
N HIS A 252 -6.45 -19.64 7.45
CA HIS A 252 -7.84 -20.05 7.28
C HIS A 252 -8.18 -20.18 5.81
N GLY A 253 -9.09 -21.09 5.49
CA GLY A 253 -9.55 -21.27 4.12
C GLY A 253 -10.91 -20.71 3.80
N ASN A 254 -11.52 -20.01 4.75
CA ASN A 254 -12.90 -19.56 4.62
C ASN A 254 -13.14 -18.54 3.50
N TRP A 255 -12.06 -17.92 3.01
CA TRP A 255 -12.16 -16.86 2.02
C TRP A 255 -11.60 -17.34 0.67
N ARG A 256 -11.48 -18.65 0.52
CA ARG A 256 -11.05 -19.20 -0.76
C ARG A 256 -11.97 -18.75 -1.89
N GLU A 257 -13.29 -18.94 -1.73
CA GLU A 257 -14.21 -18.66 -2.82
C GLU A 257 -14.36 -17.17 -3.11
N THR A 258 -14.32 -16.33 -2.08
CA THR A 258 -14.41 -14.90 -2.30
C THR A 258 -13.15 -14.38 -2.98
N CYS A 259 -12.00 -14.96 -2.65
CA CYS A 259 -10.78 -14.59 -3.35
C CYS A 259 -10.85 -15.05 -4.79
N GLU A 260 -11.29 -16.29 -5.02
CA GLU A 260 -11.41 -16.81 -6.39
C GLU A 260 -12.26 -15.88 -7.24
N ALA A 261 -13.35 -15.40 -6.68
CA ALA A 261 -14.26 -14.54 -7.44
C ALA A 261 -13.58 -13.21 -7.76
N ARG A 262 -12.82 -12.66 -6.83
CA ARG A 262 -12.03 -11.45 -7.07
C ARG A 262 -11.01 -11.69 -8.18
N PHE A 263 -10.26 -12.78 -8.05
CA PHE A 263 -9.23 -13.13 -9.02
C PHE A 263 -9.85 -13.30 -10.42
N GLN A 264 -10.97 -14.00 -10.50
CA GLN A 264 -11.64 -14.12 -11.80
C GLN A 264 -12.06 -12.79 -12.38
N ALA A 265 -12.57 -11.88 -11.57
CA ALA A 265 -12.97 -10.58 -12.06
C ALA A 265 -11.75 -9.80 -12.57
N LEU A 266 -10.63 -9.91 -11.87
CA LEU A 266 -9.39 -9.30 -12.33
C LEU A 266 -8.95 -9.89 -13.67
N LEU A 267 -8.94 -11.21 -13.77
CA LEU A 267 -8.55 -11.85 -15.03
C LEU A 267 -9.51 -11.49 -16.15
N ASP A 268 -10.81 -11.47 -15.85
CA ASP A 268 -11.82 -11.12 -16.86
C ASP A 268 -11.63 -9.73 -17.45
N SER A 269 -11.01 -8.81 -16.71
CA SER A 269 -10.79 -7.45 -17.19
C SER A 269 -9.65 -7.40 -18.22
N MET A 270 -8.90 -8.49 -18.34
CA MET A 270 -7.74 -8.48 -19.24
C MET A 270 -8.12 -8.93 -20.64
N PRO A 271 -7.69 -8.19 -21.64
CA PRO A 271 -7.95 -8.61 -23.03
C PRO A 271 -6.99 -9.68 -23.51
N MET B 1 -22.38 6.49 -16.09
CA MET B 1 -22.88 7.89 -16.09
C MET B 1 -22.55 8.57 -17.40
N ASP B 2 -23.38 9.53 -17.77
CA ASP B 2 -23.20 10.26 -19.00
C ASP B 2 -22.05 11.26 -18.81
N ILE B 3 -21.16 11.32 -19.78
CA ILE B 3 -20.02 12.21 -19.70
C ILE B 3 -20.34 13.62 -20.19
N ALA B 4 -21.32 13.76 -21.07
CA ALA B 4 -21.62 15.08 -21.62
C ALA B 4 -22.05 16.04 -20.52
N GLY B 5 -21.43 17.21 -20.48
CA GLY B 5 -21.83 18.24 -19.53
C GLY B 5 -21.13 18.17 -18.18
N THR B 6 -20.17 17.24 -18.04
CA THR B 6 -19.45 17.08 -16.78
C THR B 6 -18.15 17.83 -16.80
N THR B 7 -17.56 18.01 -15.63
CA THR B 7 -16.20 18.47 -15.51
C THR B 7 -15.35 17.33 -14.95
N ALA B 8 -14.20 17.10 -15.57
CA ALA B 8 -13.23 16.11 -15.10
C ALA B 8 -11.95 16.79 -14.62
N PHE B 9 -11.53 16.41 -13.42
CA PHE B 9 -10.27 16.86 -12.85
C PHE B 9 -9.27 15.72 -12.98
N ILE B 10 -8.18 15.97 -13.71
CA ILE B 10 -7.27 14.89 -14.09
C ILE B 10 -5.85 15.17 -13.61
N THR B 11 -5.39 14.42 -12.61
CA THR B 11 -4.01 14.61 -12.17
C THR B 11 -3.07 13.90 -13.16
N GLY B 12 -1.90 14.50 -13.38
CA GLY B 12 -1.04 14.05 -14.46
C GLY B 12 -1.74 14.16 -15.80
N GLY B 13 -2.66 15.12 -15.92
CA GLY B 13 -3.47 15.28 -17.11
C GLY B 13 -2.76 15.85 -18.31
N ALA B 14 -1.52 16.30 -18.12
CA ALA B 14 -0.79 17.02 -19.18
C ALA B 14 0.25 16.18 -19.92
N SER B 15 0.24 14.88 -19.70
CA SER B 15 1.13 13.96 -20.42
C SER B 15 0.54 12.56 -20.40
N GLY B 16 1.05 11.72 -21.29
CA GLY B 16 0.83 10.29 -21.22
C GLY B 16 -0.62 9.86 -21.13
N ILE B 17 -0.88 8.92 -20.24
CA ILE B 17 -2.22 8.35 -20.07
C ILE B 17 -3.26 9.40 -19.69
N GLY B 18 -2.89 10.29 -18.77
CA GLY B 18 -3.81 11.33 -18.32
C GLY B 18 -4.23 12.25 -19.45
N PHE B 19 -3.29 12.53 -20.35
CA PHE B 19 -3.58 13.37 -21.52
C PHE B 19 -4.44 12.63 -22.54
N GLY B 20 -4.23 11.33 -22.67
CA GLY B 20 -5.08 10.50 -23.50
C GLY B 20 -6.50 10.46 -22.96
N ILE B 21 -6.64 10.30 -21.65
CA ILE B 21 -7.95 10.35 -21.01
C ILE B 21 -8.58 11.73 -21.24
N ALA B 22 -7.77 12.78 -21.10
CA ALA B 22 -8.28 14.13 -21.26
C ALA B 22 -8.90 14.32 -22.64
N GLN B 23 -8.16 13.91 -23.67
CA GLN B 23 -8.62 14.06 -25.03
C GLN B 23 -9.95 13.36 -25.24
N ARG B 24 -10.06 12.13 -24.75
CA ARG B 24 -11.26 11.35 -25.00
C ARG B 24 -12.44 11.80 -24.13
N LEU B 25 -12.20 12.31 -22.93
CA LEU B 25 -13.32 12.86 -22.17
C LEU B 25 -13.84 14.14 -22.82
N LEU B 26 -12.91 14.98 -23.27
CA LEU B 26 -13.30 16.18 -24.01
C LEU B 26 -14.11 15.81 -25.24
N ALA B 27 -13.66 14.80 -25.99
CA ALA B 27 -14.35 14.35 -27.18
C ALA B 27 -15.78 13.88 -26.87
N ASN B 28 -16.00 13.44 -25.63
CA ASN B 28 -17.32 12.96 -25.18
C ASN B 28 -18.09 14.05 -24.42
N GLY B 29 -17.62 15.29 -24.49
CA GLY B 29 -18.40 16.43 -24.00
C GLY B 29 -18.11 16.91 -22.58
N ALA B 30 -17.02 16.44 -21.98
CA ALA B 30 -16.59 16.92 -20.68
C ALA B 30 -15.75 18.19 -20.83
N ARG B 31 -15.77 19.03 -19.82
CA ARG B 31 -14.78 20.09 -19.69
C ARG B 31 -13.71 19.59 -18.72
N LEU B 32 -12.51 20.17 -18.80
CA LEU B 32 -11.34 19.60 -18.14
C LEU B 32 -10.58 20.56 -17.24
N VAL B 33 -10.07 20.02 -16.15
CA VAL B 33 -9.03 20.66 -15.38
C VAL B 33 -7.88 19.68 -15.35
N LEU B 34 -6.73 20.11 -15.84
CA LEU B 34 -5.52 19.29 -15.85
C LEU B 34 -4.62 19.79 -14.74
N ALA B 35 -4.25 18.89 -13.84
CA ALA B 35 -3.40 19.20 -12.70
C ALA B 35 -2.11 18.41 -12.85
N ASP B 36 -0.98 19.10 -12.74
CA ASP B 36 0.28 18.49 -13.04
C ASP B 36 1.41 19.26 -12.41
N ILE B 37 2.47 18.57 -12.01
CA ILE B 37 3.59 19.20 -11.34
C ILE B 37 4.55 19.85 -12.33
N ARG B 38 4.40 19.52 -13.61
CA ARG B 38 5.31 20.03 -14.64
C ARG B 38 4.68 21.16 -15.45
N GLN B 39 5.18 22.38 -15.24
CA GLN B 39 4.62 23.52 -15.92
C GLN B 39 4.77 23.39 -17.44
N ASP B 40 5.89 22.84 -17.88
CA ASP B 40 6.09 22.69 -19.32
C ASP B 40 5.08 21.72 -19.95
N HIS B 41 4.77 20.62 -19.26
CA HIS B 41 3.72 19.72 -19.74
C HIS B 41 2.37 20.46 -19.82
N LEU B 42 2.03 21.20 -18.77
CA LEU B 42 0.79 21.98 -18.75
C LEU B 42 0.72 22.93 -19.93
N ASP B 43 1.82 23.64 -20.18
CA ASP B 43 1.84 24.59 -21.29
C ASP B 43 1.62 23.89 -22.61
N GLU B 44 2.24 22.73 -22.78
CA GLU B 44 2.13 21.98 -24.04
C GLU B 44 0.71 21.50 -24.22
N ALA B 45 0.12 21.00 -23.15
CA ALA B 45 -1.25 20.50 -23.20
C ALA B 45 -2.21 21.63 -23.54
N ARG B 46 -2.00 22.80 -22.94
CA ARG B 46 -2.87 23.93 -23.22
C ARG B 46 -2.78 24.32 -24.70
N GLN B 47 -1.57 24.40 -25.22
CA GLN B 47 -1.38 24.75 -26.61
C GLN B 47 -2.07 23.74 -27.54
N PHE B 48 -1.96 22.47 -27.23
CA PHE B 48 -2.56 21.41 -28.04
C PHE B 48 -4.06 21.63 -28.16
N PHE B 49 -4.72 21.95 -27.05
CA PHE B 49 -6.16 22.17 -27.07
C PHE B 49 -6.54 23.50 -27.71
N GLU B 50 -5.73 24.53 -27.48
CA GLU B 50 -5.97 25.82 -28.13
C GLU B 50 -5.89 25.71 -29.66
N GLU B 51 -4.97 24.90 -30.16
CA GLU B 51 -4.82 24.72 -31.61
C GLU B 51 -6.07 24.10 -32.21
N ARG B 52 -6.80 23.36 -31.38
CA ARG B 52 -8.05 22.73 -31.80
C ARG B 52 -9.27 23.54 -31.35
N GLN B 53 -9.02 24.77 -30.95
CA GLN B 53 -10.05 25.68 -30.46
C GLN B 53 -10.91 25.04 -29.37
N GLN B 54 -10.22 24.46 -28.41
CA GLN B 54 -10.88 23.86 -27.25
C GLN B 54 -10.37 24.44 -25.94
N GLY B 55 -9.61 25.54 -26.02
CA GLY B 55 -8.93 26.08 -24.85
C GLY B 55 -9.86 26.58 -23.77
N ARG B 56 -11.04 27.01 -24.17
CA ARG B 56 -12.06 27.49 -23.24
C ARG B 56 -12.54 26.37 -22.32
N ASN B 57 -12.50 25.14 -22.82
CA ASN B 57 -12.99 23.97 -22.07
C ASN B 57 -11.93 23.29 -21.25
N VAL B 58 -10.74 23.90 -21.19
CA VAL B 58 -9.62 23.35 -20.47
C VAL B 58 -8.97 24.39 -19.57
N HIS B 59 -8.80 24.00 -18.31
CA HIS B 59 -8.12 24.81 -17.32
C HIS B 59 -6.91 24.02 -16.79
N THR B 60 -5.84 24.72 -16.46
CA THR B 60 -4.64 24.06 -15.95
C THR B 60 -4.30 24.59 -14.56
N ILE B 61 -3.82 23.68 -13.73
CA ILE B 61 -3.38 23.97 -12.37
C ILE B 61 -2.05 23.25 -12.14
N ARG B 62 -1.02 24.00 -11.78
CA ARG B 62 0.24 23.39 -11.38
C ARG B 62 0.21 23.02 -9.89
N LEU B 63 0.39 21.75 -9.60
CA LEU B 63 0.43 21.27 -8.22
C LEU B 63 1.17 19.94 -8.08
N ASP B 64 1.46 19.60 -6.82
CA ASP B 64 2.01 18.32 -6.40
C ASP B 64 0.87 17.60 -5.70
N VAL B 65 0.46 16.44 -6.22
CA VAL B 65 -0.64 15.68 -5.64
C VAL B 65 -0.35 15.21 -4.21
N SER B 66 0.92 15.20 -3.82
CA SER B 66 1.29 14.82 -2.46
C SER B 66 1.31 15.98 -1.47
N ASP B 67 0.89 17.16 -1.93
CA ASP B 67 0.78 18.34 -1.07
C ASP B 67 -0.70 18.56 -0.79
N ARG B 68 -1.13 18.25 0.42
CA ARG B 68 -2.56 18.29 0.75
C ARG B 68 -3.14 19.70 0.70
N ALA B 69 -2.33 20.70 1.04
CA ALA B 69 -2.79 22.08 0.96
C ALA B 69 -3.07 22.47 -0.48
N GLN B 70 -2.19 22.08 -1.39
CA GLN B 70 -2.40 22.41 -2.80
C GLN B 70 -3.61 21.65 -3.36
N MET B 71 -3.81 20.42 -2.90
CA MET B 71 -4.98 19.66 -3.33
C MET B 71 -6.29 20.28 -2.82
N ALA B 72 -6.30 20.76 -1.58
CA ALA B 72 -7.49 21.44 -1.06
C ALA B 72 -7.76 22.70 -1.88
N GLU B 73 -6.72 23.47 -2.18
CA GLU B 73 -6.88 24.69 -2.95
C GLU B 73 -7.38 24.34 -4.35
N ALA B 74 -6.88 23.25 -4.91
CA ALA B 74 -7.25 22.85 -6.27
C ALA B 74 -8.73 22.43 -6.34
N ALA B 75 -9.24 21.81 -5.28
CA ALA B 75 -10.66 21.45 -5.26
C ALA B 75 -11.50 22.73 -5.28
N ARG B 76 -11.08 23.75 -4.55
CA ARG B 76 -11.79 25.02 -4.53
C ARG B 76 -11.72 25.69 -5.90
N GLU B 77 -10.54 25.68 -6.48
CA GLU B 77 -10.33 26.35 -7.76
C GLU B 77 -11.10 25.63 -8.86
N CYS B 78 -11.09 24.31 -8.84
CA CYS B 78 -11.84 23.55 -9.84
C CYS B 78 -13.31 23.94 -9.78
N GLU B 79 -13.89 23.94 -8.58
CA GLU B 79 -15.31 24.26 -8.44
C GLU B 79 -15.61 25.68 -8.91
N ALA B 80 -14.75 26.63 -8.53
CA ALA B 80 -15.00 28.02 -8.83
C ALA B 80 -14.86 28.34 -10.32
N VAL B 81 -13.91 27.69 -10.99
CA VAL B 81 -13.57 28.03 -12.37
C VAL B 81 -14.32 27.16 -13.36
N MET B 82 -14.34 25.85 -13.10
CA MET B 82 -14.87 24.92 -14.08
C MET B 82 -16.09 24.15 -13.58
N GLY B 83 -16.47 24.32 -12.32
CA GLY B 83 -17.54 23.54 -11.74
C GLY B 83 -17.07 22.16 -11.27
N GLY B 84 -17.77 21.60 -10.30
CA GLY B 84 -17.50 20.23 -9.96
C GLY B 84 -16.20 20.02 -9.23
N PRO B 85 -15.46 18.97 -9.57
CA PRO B 85 -15.66 18.07 -10.71
C PRO B 85 -16.67 16.96 -10.48
N ASP B 86 -17.19 16.39 -11.57
CA ASP B 86 -18.01 15.20 -11.50
C ASP B 86 -17.17 13.94 -11.66
N ILE B 87 -16.08 14.07 -12.41
CA ILE B 87 -15.18 12.95 -12.70
C ILE B 87 -13.81 13.29 -12.11
N LEU B 88 -13.31 12.40 -11.25
CA LEU B 88 -12.02 12.61 -10.59
C LEU B 88 -11.07 11.55 -11.10
N ILE B 89 -9.98 11.95 -11.79
CA ILE B 89 -9.02 10.98 -12.31
C ILE B 89 -7.71 11.16 -11.55
N ASN B 90 -7.43 10.25 -10.60
CA ASN B 90 -6.20 10.27 -9.84
C ASN B 90 -5.19 9.41 -10.57
N ASN B 91 -4.50 10.05 -11.52
CA ASN B 91 -3.68 9.33 -12.49
C ASN B 91 -2.19 9.63 -12.36
N ALA B 92 -1.82 10.77 -11.78
CA ALA B 92 -0.39 11.12 -11.66
C ALA B 92 0.39 9.99 -11.00
N GLY B 93 1.59 9.75 -11.50
CA GLY B 93 2.45 8.75 -10.91
C GLY B 93 3.84 8.91 -11.45
N ILE B 94 4.78 8.24 -10.79
CA ILE B 94 6.18 8.24 -11.18
C ILE B 94 6.78 6.85 -11.02
N ASP B 95 7.96 6.67 -11.60
CA ASP B 95 8.70 5.41 -11.46
C ASP B 95 9.87 5.57 -10.48
N PRO B 96 9.73 5.02 -9.26
CA PRO B 96 10.73 5.09 -8.19
C PRO B 96 11.65 3.87 -8.15
N SER B 97 11.76 3.16 -9.27
CA SER B 97 12.49 1.90 -9.26
C SER B 97 14.00 2.07 -9.27
N GLY B 98 14.69 0.99 -8.89
CA GLY B 98 16.14 0.97 -8.85
C GLY B 98 16.59 -0.17 -7.96
N PRO B 99 17.90 -0.43 -7.93
CA PRO B 99 18.43 -1.52 -7.11
C PRO B 99 17.97 -1.42 -5.66
N PHE B 100 17.37 -2.50 -5.15
CA PHE B 100 16.68 -2.44 -3.87
C PHE B 100 17.60 -2.01 -2.74
N LYS B 101 18.84 -2.49 -2.74
CA LYS B 101 19.77 -2.14 -1.66
C LYS B 101 20.17 -0.68 -1.69
N ASP B 102 20.00 -0.02 -2.83
CA ASP B 102 20.37 1.39 -2.95
C ASP B 102 19.27 2.33 -2.44
N ALA B 103 18.03 1.84 -2.38
CA ALA B 103 16.90 2.70 -2.04
C ALA B 103 17.02 3.15 -0.60
N THR B 104 16.70 4.41 -0.36
CA THR B 104 16.71 4.97 1.01
C THR B 104 15.30 5.32 1.45
N TYR B 105 15.19 5.78 2.70
CA TYR B 105 13.88 6.20 3.18
C TYR B 105 13.28 7.28 2.29
N GLN B 106 14.12 8.16 1.74
CA GLN B 106 13.62 9.22 0.86
C GLN B 106 12.95 8.63 -0.38
N ASP B 107 13.51 7.54 -0.88
CA ASP B 107 12.93 6.86 -2.04
C ASP B 107 11.61 6.16 -1.72
N TRP B 108 11.52 5.49 -0.56
CA TRP B 108 10.25 4.93 -0.13
C TRP B 108 9.21 6.03 0.06
N ASP B 109 9.59 7.11 0.72
CA ASP B 109 8.64 8.18 1.04
C ASP B 109 8.14 8.84 -0.25
N TYR B 110 9.05 9.03 -1.20
CA TYR B 110 8.69 9.58 -2.52
C TYR B 110 7.71 8.67 -3.23
N GLY B 111 8.10 7.41 -3.40
CA GLY B 111 7.26 6.46 -4.11
C GLY B 111 5.87 6.29 -3.54
N LEU B 112 5.78 6.23 -2.21
CA LEU B 112 4.45 6.09 -1.57
C LEU B 112 3.67 7.40 -1.61
N ALA B 113 4.36 8.51 -1.47
CA ALA B 113 3.72 9.82 -1.47
C ALA B 113 2.97 10.02 -2.79
N ILE B 114 3.64 9.77 -3.90
CA ILE B 114 3.01 10.13 -5.17
C ILE B 114 2.03 9.06 -5.57
N ASN B 115 2.45 7.80 -5.54
CA ASN B 115 1.67 6.75 -6.17
C ASN B 115 0.55 6.19 -5.29
N LEU B 116 0.67 6.35 -3.97
CA LEU B 116 -0.41 5.92 -3.07
C LEU B 116 -1.11 7.10 -2.40
N MET B 117 -0.34 8.02 -1.82
CA MET B 117 -0.99 9.13 -1.14
C MET B 117 -1.61 10.13 -2.13
N GLY B 118 -1.11 10.20 -3.37
CA GLY B 118 -1.74 11.08 -4.35
C GLY B 118 -3.21 10.75 -4.52
N PRO B 119 -3.50 9.49 -4.86
CA PRO B 119 -4.91 9.11 -4.97
C PRO B 119 -5.72 9.28 -3.68
N ILE B 120 -5.14 8.95 -2.54
CA ILE B 120 -5.85 9.18 -1.28
C ILE B 120 -6.16 10.66 -1.08
N ASN B 121 -5.18 11.51 -1.29
CA ASN B 121 -5.40 12.94 -1.19
C ASN B 121 -6.49 13.43 -2.14
N GLY B 122 -6.49 12.90 -3.34
CA GLY B 122 -7.53 13.28 -4.26
C GLY B 122 -8.92 12.90 -3.74
N ILE B 123 -9.06 11.68 -3.25
CA ILE B 123 -10.31 11.23 -2.68
C ILE B 123 -10.70 12.11 -1.50
N MET B 124 -9.76 12.37 -0.61
CA MET B 124 -10.11 13.14 0.57
C MET B 124 -10.45 14.58 0.27
N ALA B 125 -9.76 15.18 -0.68
CA ALA B 125 -9.96 16.59 -0.99
C ALA B 125 -11.20 16.83 -1.83
N PHE B 126 -11.50 15.88 -2.71
CA PHE B 126 -12.55 16.08 -3.73
C PHE B 126 -13.88 15.40 -3.44
N THR B 127 -13.86 14.23 -2.80
CA THR B 127 -15.13 13.52 -2.70
C THR B 127 -16.16 14.17 -1.78
N PRO B 128 -15.74 14.94 -0.76
CA PRO B 128 -16.81 15.56 0.02
C PRO B 128 -17.72 16.47 -0.83
N GLY B 129 -17.12 17.24 -1.74
CA GLY B 129 -17.93 18.07 -2.62
C GLY B 129 -18.70 17.28 -3.65
N MET B 130 -18.12 16.19 -4.14
CA MET B 130 -18.84 15.32 -5.08
C MET B 130 -20.11 14.74 -4.43
N ARG B 131 -19.99 14.34 -3.17
CA ARG B 131 -21.18 13.89 -2.43
C ARG B 131 -22.17 15.02 -2.24
N ALA B 132 -21.68 16.16 -1.75
CA ALA B 132 -22.57 17.27 -1.39
C ALA B 132 -23.35 17.81 -2.56
N ARG B 133 -22.74 17.84 -3.74
CA ARG B 133 -23.41 18.41 -4.90
C ARG B 133 -24.55 17.50 -5.35
N GLY B 134 -24.47 16.23 -4.96
CA GLY B 134 -25.58 15.33 -5.14
C GLY B 134 -25.95 14.97 -6.56
N ARG B 135 -25.01 15.13 -7.50
CA ARG B 135 -25.26 14.72 -8.88
C ARG B 135 -24.42 13.53 -9.34
N GLY B 136 -23.97 12.73 -8.39
CA GLY B 136 -23.18 11.56 -8.70
C GLY B 136 -21.81 11.93 -9.21
N GLY B 137 -21.12 10.94 -9.77
CA GLY B 137 -19.79 11.18 -10.28
C GLY B 137 -19.06 9.88 -10.48
N HIS B 138 -17.77 9.99 -10.75
CA HIS B 138 -16.96 8.80 -10.96
C HIS B 138 -15.53 9.10 -10.58
N ILE B 139 -14.84 8.12 -10.04
CA ILE B 139 -13.43 8.22 -9.70
C ILE B 139 -12.67 7.14 -10.44
N VAL B 140 -11.59 7.52 -11.12
CA VAL B 140 -10.68 6.57 -11.73
C VAL B 140 -9.33 6.73 -11.05
N ASN B 141 -8.79 5.63 -10.54
CA ASN B 141 -7.44 5.63 -10.01
C ASN B 141 -6.54 4.83 -10.95
N THR B 142 -5.41 5.39 -11.35
CA THR B 142 -4.47 4.66 -12.18
C THR B 142 -3.50 3.89 -11.31
N ALA B 143 -3.64 2.57 -11.33
CA ALA B 143 -2.68 1.70 -10.65
C ALA B 143 -1.68 1.20 -11.69
N SER B 144 -1.56 -0.13 -11.87
CA SER B 144 -0.64 -0.75 -12.81
C SER B 144 -0.84 -2.23 -12.74
N LEU B 145 -0.57 -2.94 -13.84
CA LEU B 145 -0.56 -4.40 -13.77
C LEU B 145 0.60 -4.85 -12.87
N ALA B 146 1.58 -3.97 -12.67
CA ALA B 146 2.67 -4.24 -11.71
C ALA B 146 2.19 -4.31 -10.28
N GLY B 147 0.95 -3.88 -10.02
CA GLY B 147 0.38 -4.03 -8.70
C GLY B 147 -0.28 -5.37 -8.51
N LEU B 148 -0.31 -6.20 -9.55
CA LEU B 148 -1.01 -7.47 -9.54
C LEU B 148 -0.13 -8.65 -9.86
N THR B 149 0.67 -8.56 -10.92
CA THR B 149 1.53 -9.65 -11.34
C THR B 149 2.83 -9.61 -10.51
N PRO B 150 3.43 -10.78 -10.23
CA PRO B 150 4.63 -10.70 -9.39
C PRO B 150 5.75 -9.88 -10.02
N MET B 151 6.36 -9.03 -9.20
CA MET B 151 7.44 -8.15 -9.65
C MET B 151 8.71 -8.40 -8.84
N PRO B 152 9.86 -8.08 -9.44
CA PRO B 152 11.18 -8.19 -8.81
C PRO B 152 11.48 -7.01 -7.89
N SER B 153 12.54 -7.15 -7.10
CA SER B 153 12.83 -6.18 -6.06
C SER B 153 13.21 -4.79 -6.57
N PHE B 154 13.73 -4.71 -7.80
CA PHE B 154 14.08 -3.45 -8.43
C PHE B 154 12.81 -2.61 -8.57
N MET B 155 11.64 -3.25 -8.55
CA MET B 155 10.36 -2.53 -8.68
C MET B 155 9.55 -2.56 -7.37
N ALA B 156 10.20 -2.79 -6.22
CA ALA B 156 9.47 -2.94 -4.97
C ALA B 156 8.60 -1.76 -4.61
N ILE B 157 9.14 -0.56 -4.70
CA ILE B 157 8.43 0.62 -4.21
C ILE B 157 7.21 0.90 -5.09
N TYR B 158 7.41 0.76 -6.40
CA TYR B 158 6.33 0.92 -7.36
C TYR B 158 5.23 -0.11 -7.15
N ALA B 159 5.60 -1.39 -7.14
CA ALA B 159 4.61 -2.44 -7.04
C ALA B 159 3.81 -2.36 -5.73
N THR B 160 4.49 -2.05 -4.63
CA THR B 160 3.84 -1.98 -3.33
C THR B 160 2.75 -0.91 -3.33
N ALA B 161 3.07 0.27 -3.86
CA ALA B 161 2.09 1.35 -3.92
C ALA B 161 0.96 1.01 -4.88
N LYS B 162 1.26 0.39 -6.02
CA LYS B 162 0.23 0.16 -7.02
C LYS B 162 -0.74 -0.93 -6.56
N ALA B 163 -0.23 -1.93 -5.84
CA ALA B 163 -1.12 -2.96 -5.27
C ALA B 163 -2.10 -2.30 -4.28
N ALA B 164 -1.60 -1.36 -3.49
CA ALA B 164 -2.42 -0.63 -2.54
C ALA B 164 -3.52 0.16 -3.24
N VAL B 165 -3.21 0.72 -4.42
CA VAL B 165 -4.21 1.52 -5.14
C VAL B 165 -5.35 0.65 -5.64
N ILE B 166 -5.03 -0.58 -6.06
CA ILE B 166 -6.07 -1.51 -6.50
C ILE B 166 -7.02 -1.76 -5.33
N THR B 167 -6.46 -2.12 -4.18
CA THR B 167 -7.27 -2.43 -3.01
C THR B 167 -8.04 -1.21 -2.50
N LEU B 168 -7.40 -0.05 -2.49
CA LEU B 168 -8.06 1.19 -2.12
C LEU B 168 -9.32 1.38 -2.92
N THR B 169 -9.18 1.17 -4.22
CA THR B 169 -10.31 1.38 -5.12
C THR B 169 -11.45 0.40 -4.86
N GLU B 170 -11.11 -0.88 -4.70
CA GLU B 170 -12.11 -1.88 -4.37
C GLU B 170 -12.86 -1.52 -3.09
N THR B 171 -12.13 -1.13 -2.06
CA THR B 171 -12.75 -0.92 -0.75
C THR B 171 -13.64 0.30 -0.69
N ILE B 172 -13.28 1.38 -1.39
CA ILE B 172 -14.09 2.59 -1.32
C ILE B 172 -15.38 2.48 -2.13
N ARG B 173 -15.50 1.47 -2.99
CA ARG B 173 -16.63 1.41 -3.93
C ARG B 173 -17.98 1.56 -3.22
N ASP B 174 -18.21 0.81 -2.15
CA ASP B 174 -19.53 0.83 -1.52
C ASP B 174 -19.84 2.17 -0.84
N SER B 175 -18.81 2.85 -0.34
CA SER B 175 -19.03 4.17 0.26
C SER B 175 -19.39 5.20 -0.81
N MET B 176 -18.65 5.15 -1.90
CA MET B 176 -18.90 6.09 -2.99
C MET B 176 -20.27 5.85 -3.62
N ALA B 177 -20.67 4.58 -3.69
CA ALA B 177 -21.96 4.20 -4.23
C ALA B 177 -23.13 4.85 -3.49
N GLU B 178 -22.96 5.13 -2.20
CA GLU B 178 -24.00 5.78 -1.39
C GLU B 178 -24.46 7.06 -2.07
N ASP B 179 -23.53 7.74 -2.72
CA ASP B 179 -23.82 9.01 -3.36
C ASP B 179 -23.75 8.95 -4.88
N ASN B 180 -24.00 7.77 -5.43
CA ASN B 180 -24.03 7.58 -6.87
C ASN B 180 -22.72 7.93 -7.54
N ILE B 181 -21.61 7.68 -6.83
CA ILE B 181 -20.28 7.86 -7.40
C ILE B 181 -19.69 6.49 -7.65
N GLY B 182 -19.40 6.21 -8.92
CA GLY B 182 -18.78 4.95 -9.28
C GLY B 182 -17.27 5.06 -9.20
N VAL B 183 -16.59 3.92 -9.17
CA VAL B 183 -15.12 3.91 -9.13
C VAL B 183 -14.55 2.87 -10.09
N THR B 184 -13.36 3.18 -10.62
CA THR B 184 -12.62 2.30 -11.51
C THR B 184 -11.15 2.32 -11.12
N VAL B 185 -10.51 1.15 -11.09
CA VAL B 185 -9.06 1.13 -11.08
C VAL B 185 -8.54 0.68 -12.45
N LEU B 186 -7.70 1.52 -13.04
CA LEU B 186 -7.06 1.29 -14.32
C LEU B 186 -5.71 0.65 -14.05
N MET B 187 -5.45 -0.51 -14.67
CA MET B 187 -4.22 -1.26 -14.51
C MET B 187 -3.53 -1.41 -15.87
N PRO B 188 -2.66 -0.44 -16.19
CA PRO B 188 -2.06 -0.54 -17.53
C PRO B 188 -0.87 -1.49 -17.61
N GLY B 189 -0.68 -2.03 -18.82
CA GLY B 189 0.60 -2.53 -19.28
C GLY B 189 1.34 -1.38 -19.93
N PRO B 190 2.24 -1.67 -20.89
CA PRO B 190 3.09 -0.61 -21.44
C PRO B 190 2.34 0.36 -22.34
N ILE B 191 2.32 1.61 -21.91
CA ILE B 191 1.69 2.69 -22.64
C ILE B 191 2.74 3.74 -23.00
N LYS B 192 2.70 4.24 -24.24
CA LYS B 192 3.58 5.34 -24.63
C LYS B 192 3.32 6.55 -23.74
N SER B 193 4.38 7.06 -23.12
CA SER B 193 4.22 8.20 -22.23
C SER B 193 5.57 8.83 -21.95
N ARG B 194 5.62 9.73 -20.99
CA ARG B 194 6.86 10.39 -20.61
C ARG B 194 7.26 10.04 -19.17
N ILE B 195 6.83 8.88 -18.69
CA ILE B 195 7.14 8.47 -17.32
C ILE B 195 8.65 8.26 -17.14
N HIS B 196 9.38 8.11 -18.24
CA HIS B 196 10.83 8.03 -18.17
C HIS B 196 11.47 9.33 -17.66
N GLU B 197 10.69 10.42 -17.64
CA GLU B 197 11.16 11.69 -17.09
C GLU B 197 10.90 11.77 -15.58
N SER B 198 10.60 10.65 -14.94
CA SER B 198 10.22 10.64 -13.51
C SER B 198 11.25 11.37 -12.63
N GLY B 199 12.53 11.29 -12.97
CA GLY B 199 13.54 11.96 -12.17
C GLY B 199 13.33 13.47 -12.09
N GLN B 200 12.87 14.06 -13.19
CA GLN B 200 12.53 15.48 -13.24
C GLN B 200 11.29 15.82 -12.45
N ASN B 201 10.44 14.82 -12.24
CA ASN B 201 9.15 15.03 -11.62
C ASN B 201 9.19 14.83 -10.11
N ARG B 202 10.26 14.25 -9.60
CA ARG B 202 10.40 14.02 -8.17
C ARG B 202 10.33 15.35 -7.43
N PRO B 203 9.42 15.49 -6.45
CA PRO B 203 9.37 16.77 -5.74
C PRO B 203 10.68 17.08 -5.01
N GLU B 204 10.98 18.37 -4.91
CA GLU B 204 12.22 18.83 -4.33
C GLU B 204 12.56 18.18 -2.99
N ARG B 205 11.56 18.01 -2.14
CA ARG B 205 11.83 17.56 -0.78
C ARG B 205 12.30 16.12 -0.71
N PHE B 206 12.14 15.36 -1.79
CA PHE B 206 12.56 13.96 -1.78
C PHE B 206 13.88 13.73 -2.49
N ARG B 207 14.55 14.81 -2.92
CA ARG B 207 15.78 14.68 -3.71
C ARG B 207 16.99 14.40 -2.84
N ALA B 208 17.18 15.19 -1.79
CA ALA B 208 18.37 15.06 -0.96
C ALA B 208 18.35 13.73 -0.21
N GLY B 209 19.39 12.92 -0.37
CA GLY B 209 19.44 11.65 0.31
C GLY B 209 18.79 10.48 -0.40
N SER B 210 18.34 10.70 -1.65
CA SER B 210 17.89 9.60 -2.48
C SER B 210 19.11 8.72 -2.79
N GLY B 211 18.89 7.42 -2.91
CA GLY B 211 19.92 6.52 -3.38
C GLY B 211 19.80 6.14 -4.83
N LEU B 212 18.86 6.74 -5.56
CA LEU B 212 18.48 6.23 -6.88
C LEU B 212 18.66 7.20 -8.05
N ALA B 213 19.44 8.24 -7.84
CA ALA B 213 19.65 9.22 -8.92
C ALA B 213 20.21 8.57 -10.20
N GLU B 214 21.15 7.65 -10.05
CA GLU B 214 21.76 6.99 -11.22
C GLU B 214 20.69 6.26 -12.03
N THR B 215 19.80 5.56 -11.34
CA THR B 215 18.73 4.87 -12.03
C THR B 215 17.81 5.86 -12.76
N GLU B 216 17.49 6.97 -12.12
CA GLU B 216 16.63 7.97 -12.76
C GLU B 216 17.26 8.50 -14.03
N GLN B 217 18.58 8.70 -13.99
CA GLN B 217 19.35 9.18 -15.15
C GLN B 217 19.28 8.18 -16.30
N GLN B 218 19.45 6.92 -15.98
CA GLN B 218 19.36 5.87 -16.99
C GLN B 218 17.96 5.82 -17.56
N LEU B 219 16.97 5.91 -16.69
CA LEU B 219 15.59 5.83 -17.11
C LEU B 219 15.26 6.91 -18.13
N ALA B 220 15.82 8.10 -17.92
CA ALA B 220 15.56 9.26 -18.76
C ALA B 220 15.96 9.00 -20.21
N LYS B 221 16.85 8.03 -20.43
CA LYS B 221 17.33 7.73 -21.77
C LYS B 221 16.56 6.58 -22.45
N ARG B 222 15.58 6.02 -21.75
CA ARG B 222 14.84 4.87 -22.27
C ARG B 222 14.00 5.29 -23.46
N VAL B 223 14.05 4.49 -24.52
CA VAL B 223 13.26 4.77 -25.72
C VAL B 223 11.84 4.28 -25.58
N VAL B 224 10.89 5.13 -25.92
CA VAL B 224 9.49 4.73 -25.96
C VAL B 224 9.29 3.79 -27.13
N ALA B 225 8.97 2.55 -26.84
CA ALA B 225 8.83 1.52 -27.88
C ALA B 225 7.62 1.77 -28.77
N ASP B 226 7.76 1.51 -30.07
CA ASP B 226 6.69 1.80 -31.01
C ASP B 226 5.49 0.87 -30.83
N ASN B 227 5.71 -0.29 -30.22
CA ASN B 227 4.62 -1.25 -30.00
C ASN B 227 3.86 -1.06 -28.68
N TRP B 228 4.24 -0.07 -27.89
CA TRP B 228 3.47 0.25 -26.70
C TRP B 228 2.14 0.90 -27.12
N MET B 229 1.15 0.81 -26.24
CA MET B 229 -0.18 1.29 -26.55
C MET B 229 -0.23 2.82 -26.57
N GLU B 230 -1.11 3.36 -27.40
CA GLU B 230 -1.35 4.80 -27.41
C GLU B 230 -2.25 5.24 -26.26
N PRO B 231 -1.91 6.38 -25.63
CA PRO B 231 -2.76 6.88 -24.54
C PRO B 231 -4.23 7.07 -24.93
N THR B 232 -4.54 7.48 -26.17
CA THR B 232 -5.94 7.64 -26.53
C THR B 232 -6.71 6.33 -26.54
N GLU B 233 -6.04 5.20 -26.81
CA GLU B 233 -6.71 3.91 -26.70
C GLU B 233 -7.12 3.67 -25.25
N VAL B 234 -6.23 3.99 -24.33
CA VAL B 234 -6.54 3.87 -22.91
C VAL B 234 -7.68 4.84 -22.54
N GLY B 235 -7.65 6.04 -23.09
CA GLY B 235 -8.70 7.00 -22.84
C GLY B 235 -10.08 6.47 -23.19
N ASP B 236 -10.17 5.78 -24.31
CA ASP B 236 -11.43 5.17 -24.71
C ASP B 236 -11.87 4.07 -23.77
N MET B 237 -10.92 3.32 -23.22
CA MET B 237 -11.25 2.29 -22.23
C MET B 237 -11.81 2.94 -20.98
N ILE B 238 -11.29 4.11 -20.62
CA ILE B 238 -11.78 4.85 -19.47
C ILE B 238 -13.16 5.46 -19.72
N VAL B 239 -13.43 5.99 -20.91
CA VAL B 239 -14.78 6.44 -21.23
C VAL B 239 -15.76 5.30 -21.00
N ASP B 240 -15.42 4.13 -21.53
CA ASP B 240 -16.27 2.96 -21.46
C ASP B 240 -16.52 2.60 -19.98
N ALA B 241 -15.48 2.68 -19.18
CA ALA B 241 -15.60 2.29 -17.77
C ALA B 241 -16.47 3.25 -16.99
N ILE B 242 -16.38 4.53 -17.30
CA ILE B 242 -17.22 5.54 -16.65
C ILE B 242 -18.69 5.40 -17.05
N VAL B 243 -18.94 5.21 -18.34
CA VAL B 243 -20.30 5.05 -18.81
C VAL B 243 -20.96 3.82 -18.19
N HIS B 244 -20.21 2.73 -18.08
CA HIS B 244 -20.79 1.45 -17.69
C HIS B 244 -20.45 1.04 -16.25
N ASN B 245 -19.84 1.95 -15.51
CA ASN B 245 -19.47 1.74 -14.11
C ASN B 245 -18.69 0.46 -13.87
N LYS B 246 -17.60 0.30 -14.62
CA LYS B 246 -16.74 -0.86 -14.54
C LYS B 246 -15.66 -0.68 -13.47
N LEU B 247 -15.57 -1.65 -12.55
CA LEU B 247 -14.58 -1.55 -11.50
C LEU B 247 -13.15 -1.70 -11.99
N TYR B 248 -12.92 -2.66 -12.89
CA TYR B 248 -11.58 -2.98 -13.33
C TYR B 248 -11.40 -2.70 -14.79
N VAL B 249 -10.29 -2.04 -15.13
CA VAL B 249 -9.87 -1.90 -16.51
C VAL B 249 -8.41 -2.29 -16.62
N SER B 250 -8.13 -3.32 -17.43
CA SER B 250 -6.77 -3.72 -17.73
C SER B 250 -6.51 -3.48 -19.21
N THR B 251 -5.37 -2.92 -19.55
CA THR B 251 -5.11 -2.55 -20.94
C THR B 251 -4.46 -3.65 -21.76
N HIS B 252 -3.85 -4.62 -21.09
CA HIS B 252 -3.11 -5.69 -21.74
C HIS B 252 -3.42 -7.01 -21.11
N GLY B 253 -3.29 -8.08 -21.89
CA GLY B 253 -3.53 -9.43 -21.43
C GLY B 253 -2.28 -10.27 -21.22
N ASN B 254 -1.11 -9.67 -21.40
CA ASN B 254 0.16 -10.39 -21.42
C ASN B 254 0.56 -11.00 -20.08
N TRP B 255 -0.09 -10.56 -19.00
CA TRP B 255 0.24 -11.02 -17.67
C TRP B 255 -0.88 -11.88 -17.07
N ARG B 256 -1.81 -12.32 -17.91
CA ARG B 256 -2.86 -13.23 -17.46
C ARG B 256 -2.27 -14.48 -16.78
N GLU B 257 -1.33 -15.14 -17.45
CA GLU B 257 -0.79 -16.40 -16.92
C GLU B 257 0.05 -16.21 -15.67
N THR B 258 0.79 -15.12 -15.58
CA THR B 258 1.65 -14.89 -14.43
C THR B 258 0.79 -14.52 -13.23
N CYS B 259 -0.28 -13.78 -13.48
CA CYS B 259 -1.23 -13.48 -12.43
C CYS B 259 -1.93 -14.76 -12.00
N GLU B 260 -2.39 -15.59 -12.94
CA GLU B 260 -3.00 -16.87 -12.58
C GLU B 260 -2.10 -17.68 -11.66
N ALA B 261 -0.80 -17.74 -11.98
CA ALA B 261 0.10 -18.52 -11.16
C ALA B 261 0.25 -17.95 -9.76
N ARG B 262 0.28 -16.62 -9.64
CA ARG B 262 0.33 -15.98 -8.35
C ARG B 262 -0.92 -16.33 -7.56
N PHE B 263 -2.07 -16.13 -8.20
CA PHE B 263 -3.36 -16.41 -7.55
C PHE B 263 -3.42 -17.86 -7.07
N GLN B 264 -2.94 -18.79 -7.90
CA GLN B 264 -2.93 -20.19 -7.52
C GLN B 264 -2.07 -20.43 -6.29
N ALA B 265 -0.89 -19.80 -6.23
CA ALA B 265 -0.01 -19.98 -5.09
C ALA B 265 -0.63 -19.41 -3.82
N LEU B 266 -1.34 -18.29 -3.95
CA LEU B 266 -2.05 -17.72 -2.81
C LEU B 266 -3.16 -18.68 -2.33
N LEU B 267 -3.95 -19.19 -3.26
CA LEU B 267 -5.03 -20.11 -2.88
C LEU B 267 -4.41 -21.37 -2.25
N ASP B 268 -3.30 -21.84 -2.82
CA ASP B 268 -2.68 -23.07 -2.32
C ASP B 268 -2.16 -22.91 -0.90
N SER B 269 -1.92 -21.69 -0.45
CA SER B 269 -1.47 -21.44 0.93
C SER B 269 -2.61 -21.56 1.94
N MET B 270 -3.84 -21.62 1.44
CA MET B 270 -5.01 -21.68 2.31
C MET B 270 -5.35 -23.13 2.63
N PRO B 271 -5.52 -23.45 3.93
CA PRO B 271 -6.05 -24.76 4.33
C PRO B 271 -7.43 -25.04 3.76
#